data_1T8B
#
_entry.id   1T8B
#
_cell.length_a   85.094
_cell.length_b   85.094
_cell.length_c   62.825
_cell.angle_alpha   90.00
_cell.angle_beta   90.00
_cell.angle_gamma   120.00
#
_symmetry.space_group_name_H-M   'P 32'
#
_entity_poly.entity_id   1
_entity_poly.type   'polypeptide(L)'
_entity_poly.pdbx_seq_one_letter_code
;GGGGGGMKLFKELEETKEQVIKMAKLVQEAIDKATEALNKQNVELAEEVIKGDDTIDLLEVDIERRCIRMIALYQPEAGD
LRMIMGIYKIVSDLERMGDEAENIAERAILLAEEPPLKPYVNINFMSEIVKEMVNDSVISFIQQDTLLAKKVIEKDDTVD
ELYHQLERELMTYVLEDPRNIKRAMHLSFVARHYERIADHAENVAEAAIYLSEGEIVKHQHIKEKGE
;
_entity_poly.pdbx_strand_id   A,B
#
# COMPACT_ATOMS: atom_id res chain seq x y z
N MET A 7 -45.68 -11.10 -16.32
CA MET A 7 -46.13 -10.62 -17.66
C MET A 7 -45.60 -9.21 -17.90
N LYS A 8 -45.92 -8.31 -16.97
CA LYS A 8 -45.45 -6.92 -16.95
C LYS A 8 -43.92 -6.83 -16.94
N LEU A 9 -43.29 -7.99 -16.73
CA LEU A 9 -41.88 -8.12 -16.39
C LEU A 9 -40.98 -8.35 -17.58
N PHE A 10 -41.52 -8.93 -18.64
CA PHE A 10 -40.74 -9.17 -19.84
C PHE A 10 -40.30 -7.85 -20.46
N LYS A 11 -41.22 -6.90 -20.55
CA LYS A 11 -40.90 -5.57 -21.09
C LYS A 11 -39.67 -5.07 -20.34
N GLU A 12 -39.79 -5.02 -19.01
CA GLU A 12 -38.73 -4.55 -18.13
C GLU A 12 -37.39 -5.21 -18.41
N LEU A 13 -37.41 -6.53 -18.56
CA LEU A 13 -36.20 -7.31 -18.78
C LEU A 13 -35.61 -7.11 -20.17
N GLU A 14 -36.46 -6.91 -21.17
CA GLU A 14 -35.98 -6.92 -22.55
C GLU A 14 -35.20 -5.69 -22.94
N GLU A 15 -35.58 -4.55 -22.37
CA GLU A 15 -34.81 -3.31 -22.52
C GLU A 15 -33.56 -3.36 -21.66
N THR A 16 -33.72 -3.84 -20.43
CA THR A 16 -32.57 -3.99 -19.53
C THR A 16 -31.45 -4.74 -20.25
N LYS A 17 -31.79 -5.77 -21.02
CA LYS A 17 -30.79 -6.49 -21.81
C LYS A 17 -30.21 -5.58 -22.89
N GLU A 18 -31.06 -4.78 -23.51
CA GLU A 18 -30.59 -3.85 -24.56
C GLU A 18 -29.79 -2.68 -23.95
N GLN A 19 -29.98 -2.42 -22.67
CA GLN A 19 -29.18 -1.42 -21.96
C GLN A 19 -27.75 -1.93 -21.85
N VAL A 20 -27.64 -3.20 -21.49
CA VAL A 20 -26.35 -3.86 -21.46
C VAL A 20 -25.71 -3.84 -22.86
N ILE A 21 -26.48 -4.14 -23.91
CA ILE A 21 -25.90 -4.17 -25.24
C ILE A 21 -25.39 -2.77 -25.58
N LYS A 22 -26.18 -1.75 -25.26
CA LYS A 22 -25.81 -0.35 -25.52
C LYS A 22 -24.57 0.03 -24.72
N MET A 23 -24.55 -0.38 -23.45
CA MET A 23 -23.40 -0.13 -22.58
C MET A 23 -22.14 -0.65 -23.25
N ALA A 24 -22.27 -1.77 -23.96
CA ALA A 24 -21.12 -2.43 -24.55
C ALA A 24 -20.63 -1.78 -25.81
N LYS A 25 -21.54 -1.26 -26.63
CA LYS A 25 -21.13 -0.48 -27.81
C LYS A 25 -20.36 0.76 -27.38
N LEU A 26 -20.79 1.39 -26.29
CA LEU A 26 -20.10 2.55 -25.75
C LEU A 26 -18.70 2.26 -25.21
N VAL A 27 -18.55 1.15 -24.49
CA VAL A 27 -17.22 0.67 -24.08
C VAL A 27 -16.34 0.42 -25.30
N GLN A 28 -16.86 -0.30 -26.29
CA GLN A 28 -16.12 -0.63 -27.49
C GLN A 28 -15.66 0.62 -28.17
N GLU A 29 -16.55 1.61 -28.22
CA GLU A 29 -16.23 2.90 -28.83
C GLU A 29 -15.24 3.73 -27.98
N ALA A 30 -15.29 3.60 -26.65
CA ALA A 30 -14.24 4.17 -25.81
C ALA A 30 -12.85 3.67 -26.21
N ILE A 31 -12.63 2.37 -26.09
CA ILE A 31 -11.42 1.72 -26.64
C ILE A 31 -11.05 2.22 -28.01
N ASP A 32 -12.03 2.23 -28.91
CA ASP A 32 -11.78 2.62 -30.26
C ASP A 32 -11.20 4.02 -30.29
N LYS A 33 -11.85 4.94 -29.58
CA LYS A 33 -11.41 6.33 -29.47
C LYS A 33 -10.04 6.35 -28.83
N ALA A 34 -9.94 5.66 -27.69
CA ALA A 34 -8.71 5.61 -26.89
C ALA A 34 -7.48 5.18 -27.70
N THR A 35 -7.63 4.16 -28.52
CA THR A 35 -6.55 3.69 -29.36
C THR A 35 -6.23 4.73 -30.43
N GLU A 36 -7.25 5.30 -31.05
CA GLU A 36 -7.05 6.33 -32.07
C GLU A 36 -6.31 7.56 -31.56
N ALA A 37 -6.75 8.06 -30.40
CA ALA A 37 -6.15 9.19 -29.71
C ALA A 37 -4.68 8.93 -29.38
N LEU A 38 -4.38 7.67 -29.10
CA LEU A 38 -3.02 7.23 -28.86
C LEU A 38 -2.28 7.18 -30.19
N ASN A 39 -2.93 6.62 -31.21
CA ASN A 39 -2.32 6.48 -32.53
C ASN A 39 -1.99 7.83 -33.11
N LYS A 40 -2.92 8.39 -33.86
CA LYS A 40 -2.82 9.77 -34.32
C LYS A 40 -2.89 10.70 -33.11
N GLN A 41 -1.77 10.86 -32.40
CA GLN A 41 -1.65 11.59 -31.10
C GLN A 41 -2.53 12.83 -30.93
N ASN A 42 -3.53 12.75 -30.05
CA ASN A 42 -4.64 13.71 -30.05
C ASN A 42 -5.37 13.91 -28.71
N VAL A 43 -4.84 14.81 -27.88
CA VAL A 43 -5.42 15.13 -26.57
C VAL A 43 -6.95 15.39 -26.62
N GLU A 44 -7.36 16.20 -27.59
CA GLU A 44 -8.77 16.56 -27.82
C GLU A 44 -9.69 15.35 -27.98
N LEU A 45 -9.09 14.20 -28.30
CA LEU A 45 -9.84 12.96 -28.46
C LEU A 45 -9.91 12.18 -27.17
N ALA A 46 -8.78 12.11 -26.46
CA ALA A 46 -8.73 11.45 -25.16
C ALA A 46 -9.58 12.21 -24.13
N GLU A 47 -9.64 13.54 -24.31
CA GLU A 47 -10.49 14.40 -23.51
C GLU A 47 -11.94 13.97 -23.67
N GLU A 48 -12.29 13.50 -24.86
CA GLU A 48 -13.62 12.96 -25.10
C GLU A 48 -13.81 11.64 -24.35
N VAL A 49 -12.86 10.73 -24.49
CA VAL A 49 -12.90 9.45 -23.80
C VAL A 49 -13.12 9.63 -22.31
N ILE A 50 -12.33 10.48 -21.68
CA ILE A 50 -12.38 10.73 -20.24
C ILE A 50 -13.75 11.23 -19.75
N LYS A 51 -14.29 12.25 -20.41
CA LYS A 51 -15.59 12.77 -20.03
C LYS A 51 -16.69 11.81 -20.48
N GLY A 52 -16.31 10.83 -21.28
CA GLY A 52 -17.21 9.78 -21.71
C GLY A 52 -17.55 8.76 -20.64
N ASP A 53 -16.55 8.34 -19.84
CA ASP A 53 -16.78 7.44 -18.71
C ASP A 53 -18.02 7.82 -17.89
N ASP A 54 -18.15 9.11 -17.58
CA ASP A 54 -19.36 9.68 -16.99
C ASP A 54 -20.58 8.88 -17.34
N THR A 55 -20.80 8.72 -18.64
CA THR A 55 -21.98 8.06 -19.19
C THR A 55 -21.98 6.59 -18.87
N ILE A 56 -20.84 5.95 -19.02
CA ILE A 56 -20.74 4.53 -18.75
C ILE A 56 -20.98 4.25 -17.27
N ASP A 57 -20.49 5.12 -16.40
CA ASP A 57 -20.67 4.94 -14.96
C ASP A 57 -22.15 4.97 -14.61
N LEU A 58 -22.89 5.72 -15.43
CA LEU A 58 -24.31 5.96 -15.25
C LEU A 58 -25.10 4.83 -15.84
N LEU A 59 -24.69 4.34 -16.99
CA LEU A 59 -25.34 3.16 -17.51
C LEU A 59 -25.25 2.03 -16.51
N GLU A 60 -24.09 1.90 -15.88
CA GLU A 60 -23.90 0.95 -14.80
C GLU A 60 -24.88 1.18 -13.68
N VAL A 61 -24.88 2.39 -13.12
CA VAL A 61 -25.86 2.79 -12.11
C VAL A 61 -27.25 2.43 -12.56
N ASP A 62 -27.62 2.82 -13.78
CA ASP A 62 -28.98 2.65 -14.29
C ASP A 62 -29.39 1.21 -14.23
N ILE A 63 -28.59 0.37 -14.88
CA ILE A 63 -28.91 -1.04 -14.96
C ILE A 63 -29.02 -1.68 -13.57
N GLU A 64 -28.05 -1.42 -12.70
CA GLU A 64 -28.14 -1.82 -11.29
C GLU A 64 -29.51 -1.49 -10.74
N ARG A 65 -29.84 -0.21 -10.83
CA ARG A 65 -31.08 0.36 -10.35
C ARG A 65 -32.33 -0.22 -11.05
N ARG A 66 -32.17 -0.64 -12.30
CA ARG A 66 -33.24 -1.30 -13.05
C ARG A 66 -33.52 -2.66 -12.48
N CYS A 67 -32.44 -3.39 -12.19
CA CYS A 67 -32.48 -4.76 -11.63
C CYS A 67 -33.20 -4.80 -10.30
N ILE A 68 -32.77 -3.97 -9.36
CA ILE A 68 -33.38 -3.95 -8.02
C ILE A 68 -34.89 -3.72 -8.10
N ARG A 69 -35.35 -2.90 -9.04
CA ARG A 69 -36.80 -2.66 -9.25
C ARG A 69 -37.45 -3.95 -9.74
N MET A 70 -36.87 -4.57 -10.76
CA MET A 70 -37.39 -5.82 -11.31
C MET A 70 -37.56 -6.90 -10.24
N ILE A 71 -36.63 -6.96 -9.29
CA ILE A 71 -36.66 -7.93 -8.18
C ILE A 71 -37.76 -7.62 -7.14
N ALA A 72 -37.83 -6.35 -6.71
CA ALA A 72 -38.75 -5.92 -5.68
C ALA A 72 -40.16 -5.82 -6.24
N LEU A 73 -40.27 -5.37 -7.49
CA LEU A 73 -41.55 -5.26 -8.16
C LEU A 73 -42.13 -6.63 -8.43
N TYR A 74 -41.36 -7.50 -9.08
CA TYR A 74 -41.88 -8.76 -9.57
C TYR A 74 -41.46 -10.00 -8.79
N GLN A 75 -40.25 -9.98 -8.21
CA GLN A 75 -39.53 -11.22 -7.82
C GLN A 75 -39.64 -12.30 -8.89
N PRO A 76 -38.58 -12.51 -9.66
CA PRO A 76 -38.50 -13.67 -10.55
C PRO A 76 -38.11 -14.94 -9.79
N GLU A 77 -37.87 -15.99 -10.55
CA GLU A 77 -37.38 -17.25 -10.00
C GLU A 77 -36.39 -17.85 -11.03
N ALA A 78 -36.22 -19.14 -10.90
CA ALA A 78 -35.37 -19.98 -11.75
C ALA A 78 -34.41 -19.36 -12.76
N GLY A 79 -34.75 -19.34 -14.02
CA GLY A 79 -33.70 -18.89 -14.95
C GLY A 79 -33.72 -17.41 -15.23
N ASP A 80 -34.65 -16.75 -14.57
CA ASP A 80 -34.90 -15.31 -14.72
C ASP A 80 -34.20 -14.54 -13.63
N LEU A 81 -34.47 -14.84 -12.38
CA LEU A 81 -33.66 -14.26 -11.29
C LEU A 81 -32.18 -14.52 -11.59
N ARG A 82 -31.88 -15.65 -12.21
CA ARG A 82 -30.52 -15.96 -12.60
C ARG A 82 -29.95 -15.03 -13.67
N MET A 83 -30.81 -14.51 -14.53
CA MET A 83 -30.35 -13.54 -15.54
C MET A 83 -30.14 -12.13 -14.96
N ILE A 84 -31.04 -11.71 -14.08
CA ILE A 84 -30.96 -10.40 -13.45
C ILE A 84 -29.75 -10.30 -12.53
N MET A 85 -29.58 -11.30 -11.67
CA MET A 85 -28.46 -11.31 -10.77
C MET A 85 -27.19 -11.35 -11.59
N GLY A 86 -27.23 -12.09 -12.70
CA GLY A 86 -26.09 -12.25 -13.58
C GLY A 86 -25.77 -10.96 -14.30
N ILE A 87 -26.81 -10.30 -14.78
CA ILE A 87 -26.67 -8.99 -15.38
C ILE A 87 -26.12 -7.99 -14.36
N TYR A 88 -26.77 -7.88 -13.21
CA TYR A 88 -26.26 -7.04 -12.12
C TYR A 88 -24.75 -7.22 -12.02
N LYS A 89 -24.30 -8.46 -12.17
CA LYS A 89 -22.90 -8.79 -12.03
C LYS A 89 -22.09 -8.34 -13.23
N ILE A 90 -22.36 -8.91 -14.41
CA ILE A 90 -21.57 -8.59 -15.60
C ILE A 90 -21.56 -7.10 -15.93
N VAL A 91 -22.42 -6.34 -15.28
CA VAL A 91 -22.47 -4.93 -15.59
C VAL A 91 -21.35 -4.17 -14.91
N SER A 92 -20.87 -4.62 -13.76
CA SER A 92 -19.72 -3.93 -13.22
C SER A 92 -18.42 -4.36 -13.91
N ASP A 93 -18.38 -5.57 -14.46
CA ASP A 93 -17.25 -5.99 -15.29
C ASP A 93 -17.14 -5.03 -16.47
N LEU A 94 -18.25 -4.84 -17.17
CA LEU A 94 -18.37 -3.84 -18.23
C LEU A 94 -17.90 -2.42 -17.86
N GLU A 95 -18.21 -1.98 -16.64
CA GLU A 95 -17.77 -0.68 -16.14
C GLU A 95 -16.26 -0.66 -15.97
N ARG A 96 -15.72 -1.71 -15.40
CA ARG A 96 -14.27 -1.77 -15.23
C ARG A 96 -13.59 -1.66 -16.60
N MET A 97 -14.08 -2.44 -17.57
CA MET A 97 -13.56 -2.49 -18.92
C MET A 97 -13.47 -1.08 -19.46
N GLY A 98 -14.61 -0.39 -19.51
CA GLY A 98 -14.66 1.01 -19.89
C GLY A 98 -13.77 1.90 -19.04
N ASP A 99 -13.55 1.50 -17.79
CA ASP A 99 -12.62 2.21 -16.94
C ASP A 99 -11.19 2.11 -17.44
N GLU A 100 -10.72 0.89 -17.71
CA GLU A 100 -9.42 0.64 -18.35
C GLU A 100 -9.26 1.56 -19.53
N ALA A 101 -10.29 1.62 -20.37
CA ALA A 101 -10.27 2.54 -21.50
C ALA A 101 -9.95 3.96 -21.04
N GLU A 102 -10.69 4.47 -20.06
CA GLU A 102 -10.45 5.78 -19.51
C GLU A 102 -8.95 5.96 -19.29
N ASN A 103 -8.34 4.97 -18.62
CA ASN A 103 -6.90 5.00 -18.35
C ASN A 103 -6.03 4.94 -19.60
N ILE A 104 -6.43 4.16 -20.60
CA ILE A 104 -5.59 4.13 -21.79
C ILE A 104 -5.51 5.57 -22.28
N ALA A 105 -6.65 6.25 -22.33
CA ALA A 105 -6.69 7.65 -22.73
C ALA A 105 -5.82 8.53 -21.85
N GLU A 106 -5.85 8.28 -20.55
CA GLU A 106 -4.98 8.98 -19.62
C GLU A 106 -3.52 8.97 -20.05
N ARG A 107 -3.03 7.77 -20.37
CA ARG A 107 -1.62 7.59 -20.71
C ARG A 107 -1.34 8.01 -22.15
N ALA A 108 -2.39 8.22 -22.93
CA ALA A 108 -2.24 8.74 -24.28
C ALA A 108 -1.92 10.21 -24.25
N ILE A 109 -2.49 10.88 -23.25
CA ILE A 109 -2.28 12.29 -22.97
C ILE A 109 -0.82 12.51 -22.64
N LEU A 110 -0.27 11.58 -21.88
CA LEU A 110 1.10 11.68 -21.43
C LEU A 110 2.10 11.32 -22.52
N LEU A 111 1.68 10.48 -23.48
CA LEU A 111 2.55 10.10 -24.58
C LEU A 111 2.53 11.16 -25.67
N ALA A 112 1.59 12.09 -25.56
CA ALA A 112 1.56 13.26 -26.41
C ALA A 112 2.68 14.23 -26.02
N GLU A 113 3.26 14.02 -24.84
CA GLU A 113 4.35 14.85 -24.31
C GLU A 113 5.68 14.67 -25.06
N GLU A 114 5.69 13.84 -26.10
CA GLU A 114 6.86 13.62 -26.95
C GLU A 114 6.53 12.78 -28.19
N PRO A 115 7.46 12.67 -29.15
CA PRO A 115 7.22 11.88 -30.37
C PRO A 115 6.82 10.40 -30.14
N PRO A 116 6.44 9.65 -31.21
CA PRO A 116 6.25 8.18 -31.05
C PRO A 116 7.56 7.45 -30.96
N LEU A 117 7.80 6.62 -29.95
CA LEU A 117 9.03 5.89 -30.01
C LEU A 117 8.90 4.76 -30.97
N LYS A 118 7.66 4.40 -31.21
CA LYS A 118 7.32 3.28 -32.10
C LYS A 118 5.94 3.48 -32.78
N PRO A 119 5.67 3.01 -34.05
CA PRO A 119 4.31 3.12 -34.60
C PRO A 119 3.23 2.87 -33.52
N TYR A 120 3.40 1.80 -32.74
CA TYR A 120 2.42 1.37 -31.72
C TYR A 120 1.66 0.14 -32.24
N VAL A 121 2.22 -0.46 -33.31
CA VAL A 121 1.77 -1.71 -33.92
C VAL A 121 0.89 -2.54 -33.00
N ASN A 122 1.54 -3.30 -32.13
CA ASN A 122 0.93 -4.29 -31.26
C ASN A 122 -0.38 -3.86 -30.57
N ILE A 123 -0.29 -2.83 -29.73
CA ILE A 123 -1.46 -2.21 -29.08
C ILE A 123 -2.71 -2.23 -29.96
N ASN A 124 -2.54 -2.10 -31.27
CA ASN A 124 -3.69 -2.07 -32.17
C ASN A 124 -4.31 -3.44 -32.28
N PHE A 125 -3.53 -4.39 -32.82
CA PHE A 125 -3.96 -5.78 -32.96
C PHE A 125 -4.67 -6.17 -31.66
N MET A 126 -4.05 -5.87 -30.52
CA MET A 126 -4.69 -6.11 -29.23
C MET A 126 -6.07 -5.45 -29.24
N SER A 127 -6.09 -4.13 -29.23
CA SER A 127 -7.30 -3.31 -29.22
C SER A 127 -8.37 -3.85 -30.16
N GLU A 128 -7.97 -4.24 -31.36
CA GLU A 128 -8.88 -4.71 -32.38
C GLU A 128 -9.62 -5.92 -31.86
N ILE A 129 -8.82 -6.84 -31.28
CA ILE A 129 -9.30 -8.13 -30.81
C ILE A 129 -10.18 -7.82 -29.64
N VAL A 130 -9.66 -6.94 -28.78
CA VAL A 130 -10.29 -6.65 -27.52
C VAL A 130 -11.72 -6.15 -27.74
N LYS A 131 -11.92 -5.23 -28.69
CA LYS A 131 -13.27 -4.77 -29.01
C LYS A 131 -14.18 -5.93 -29.43
N GLU A 132 -13.65 -6.86 -30.22
CA GLU A 132 -14.38 -8.07 -30.58
C GLU A 132 -14.81 -8.85 -29.34
N MET A 133 -13.98 -8.87 -28.31
CA MET A 133 -14.28 -9.65 -27.10
C MET A 133 -15.47 -9.06 -26.33
N VAL A 134 -15.31 -7.82 -25.87
CA VAL A 134 -16.40 -7.04 -25.30
C VAL A 134 -17.71 -7.40 -25.98
N ASN A 135 -17.78 -7.20 -27.29
CA ASN A 135 -19.02 -7.30 -28.02
C ASN A 135 -19.67 -8.62 -27.76
N ASP A 136 -18.88 -9.67 -27.92
CA ASP A 136 -19.34 -11.06 -27.88
C ASP A 136 -19.59 -11.53 -26.45
N SER A 137 -18.58 -11.40 -25.59
CA SER A 137 -18.72 -11.72 -24.17
C SER A 137 -20.09 -11.27 -23.58
N VAL A 138 -20.67 -10.23 -24.15
CA VAL A 138 -21.97 -9.80 -23.74
C VAL A 138 -23.07 -10.53 -24.49
N ILE A 139 -23.00 -10.53 -25.82
CA ILE A 139 -24.01 -11.18 -26.66
C ILE A 139 -23.96 -12.72 -26.52
N SER A 140 -23.00 -13.19 -25.73
CA SER A 140 -22.88 -14.58 -25.33
C SER A 140 -23.59 -14.77 -24.00
N PHE A 141 -23.51 -13.76 -23.15
CA PHE A 141 -24.25 -13.82 -21.90
C PHE A 141 -25.74 -13.71 -22.20
N ILE A 142 -26.15 -12.55 -22.70
CA ILE A 142 -27.54 -12.26 -22.97
C ILE A 142 -28.21 -13.38 -23.74
N GLN A 143 -27.62 -13.74 -24.84
CA GLN A 143 -28.20 -14.76 -25.73
C GLN A 143 -27.60 -16.15 -25.52
N GLN A 144 -27.08 -16.39 -24.35
CA GLN A 144 -26.53 -17.68 -23.90
C GLN A 144 -25.94 -18.64 -24.96
N ASP A 145 -25.26 -18.16 -25.99
CA ASP A 145 -24.58 -19.00 -27.01
C ASP A 145 -23.24 -19.42 -26.42
N THR A 146 -23.18 -20.69 -26.01
CA THR A 146 -22.05 -21.27 -25.32
C THR A 146 -20.84 -21.40 -26.25
N LEU A 147 -21.07 -21.82 -27.49
CA LEU A 147 -19.99 -21.94 -28.48
C LEU A 147 -19.32 -20.59 -28.78
N LEU A 148 -20.08 -19.51 -28.63
CA LEU A 148 -19.53 -18.16 -28.80
C LEU A 148 -18.63 -17.80 -27.62
N ALA A 149 -19.22 -17.81 -26.43
CA ALA A 149 -18.50 -17.61 -25.18
C ALA A 149 -17.21 -18.44 -25.09
N LYS A 150 -17.27 -19.69 -25.51
CA LYS A 150 -16.11 -20.57 -25.48
C LYS A 150 -14.98 -20.08 -26.41
N LYS A 151 -15.35 -19.48 -27.54
CA LYS A 151 -14.38 -19.07 -28.55
C LYS A 151 -13.79 -17.71 -28.21
N VAL A 152 -14.50 -17.00 -27.33
CA VAL A 152 -14.04 -15.73 -26.73
C VAL A 152 -12.98 -16.02 -25.68
N ILE A 153 -13.28 -16.99 -24.82
CA ILE A 153 -12.34 -17.48 -23.83
C ILE A 153 -11.06 -17.88 -24.54
N GLU A 154 -11.19 -18.64 -25.62
CA GLU A 154 -10.03 -19.05 -26.41
C GLU A 154 -9.21 -17.84 -26.92
N LYS A 155 -9.88 -16.72 -27.20
CA LYS A 155 -9.21 -15.53 -27.72
C LYS A 155 -8.23 -14.85 -26.77
N ASP A 156 -8.56 -14.78 -25.47
CA ASP A 156 -7.72 -14.07 -24.50
C ASP A 156 -6.25 -14.46 -24.59
N ASP A 157 -5.96 -15.65 -25.08
CA ASP A 157 -4.58 -16.04 -25.12
C ASP A 157 -3.80 -15.56 -26.34
N THR A 158 -4.49 -15.21 -27.42
CA THR A 158 -3.80 -14.47 -28.49
C THR A 158 -3.45 -13.07 -28.00
N VAL A 159 -4.30 -12.47 -27.18
CA VAL A 159 -3.97 -11.19 -26.60
C VAL A 159 -2.74 -11.34 -25.71
N ASP A 160 -2.77 -12.33 -24.82
CA ASP A 160 -1.63 -12.61 -23.96
C ASP A 160 -0.32 -12.63 -24.75
N GLU A 161 -0.27 -13.38 -25.86
CA GLU A 161 0.93 -13.45 -26.72
C GLU A 161 1.45 -12.05 -26.90
N LEU A 162 0.58 -11.22 -27.48
CA LEU A 162 0.89 -9.86 -27.90
C LEU A 162 1.49 -9.05 -26.79
N TYR A 163 1.08 -9.35 -25.57
CA TYR A 163 1.56 -8.59 -24.45
C TYR A 163 2.96 -9.02 -24.07
N HIS A 164 3.11 -10.30 -23.74
CA HIS A 164 4.41 -10.89 -23.40
C HIS A 164 5.30 -10.89 -24.64
N GLN A 165 4.76 -10.36 -25.73
CA GLN A 165 5.47 -10.20 -26.99
C GLN A 165 5.99 -8.78 -27.14
N LEU A 166 5.09 -7.83 -26.91
CA LEU A 166 5.42 -6.41 -26.89
C LEU A 166 6.41 -6.12 -25.76
N GLU A 167 6.12 -6.70 -24.60
CA GLU A 167 6.91 -6.63 -23.38
C GLU A 167 8.38 -6.89 -23.67
N ARG A 168 8.64 -7.77 -24.63
CA ARG A 168 9.98 -8.12 -25.03
C ARG A 168 10.58 -7.12 -26.06
N GLU A 169 9.74 -6.62 -26.97
CA GLU A 169 10.16 -5.54 -27.86
C GLU A 169 10.34 -4.24 -27.07
N LEU A 170 9.44 -3.97 -26.14
CA LEU A 170 9.56 -2.80 -25.28
C LEU A 170 10.86 -2.82 -24.44
N MET A 171 11.39 -4.00 -24.18
CA MET A 171 12.65 -4.10 -23.44
C MET A 171 13.88 -4.05 -24.37
N THR A 172 13.67 -3.95 -25.68
CA THR A 172 14.77 -3.64 -26.58
C THR A 172 15.20 -2.20 -26.35
N TYR A 173 14.21 -1.30 -26.30
CA TYR A 173 14.41 0.14 -26.41
C TYR A 173 15.12 0.71 -25.20
N VAL A 174 14.90 0.05 -24.07
CA VAL A 174 15.61 0.40 -22.87
C VAL A 174 17.00 -0.26 -22.85
N LEU A 175 17.08 -1.48 -23.35
CA LEU A 175 18.36 -2.21 -23.47
C LEU A 175 19.23 -1.62 -24.57
N GLU A 176 18.85 -0.47 -25.11
CA GLU A 176 19.59 0.15 -26.21
C GLU A 176 19.58 1.67 -26.20
N ASP A 177 18.90 2.28 -25.23
CA ASP A 177 18.83 3.74 -25.12
C ASP A 177 18.29 4.17 -23.75
N PRO A 178 18.99 5.09 -23.08
CA PRO A 178 18.56 5.60 -21.77
C PRO A 178 17.31 6.48 -21.85
N ARG A 179 17.38 7.56 -22.62
CA ARG A 179 16.25 8.48 -22.81
C ARG A 179 14.92 7.71 -22.83
N ASN A 180 14.82 6.79 -23.79
CA ASN A 180 13.61 6.01 -24.06
C ASN A 180 12.71 5.76 -22.88
N ILE A 181 13.24 5.14 -21.84
CA ILE A 181 12.45 4.64 -20.70
C ILE A 181 11.09 5.31 -20.44
N LYS A 182 11.08 6.66 -20.42
CA LYS A 182 9.89 7.43 -20.08
C LYS A 182 8.66 7.05 -20.89
N ARG A 183 8.86 6.89 -22.19
CA ARG A 183 7.78 6.55 -23.10
C ARG A 183 7.38 5.08 -23.00
N ALA A 184 8.38 4.18 -23.06
CA ALA A 184 8.15 2.73 -22.97
C ALA A 184 7.44 2.38 -21.67
N MET A 185 7.79 3.12 -20.63
CA MET A 185 7.09 3.06 -19.37
C MET A 185 5.58 3.22 -19.53
N HIS A 186 5.16 4.40 -20.00
CA HIS A 186 3.76 4.69 -20.23
C HIS A 186 3.15 3.62 -21.09
N LEU A 187 3.93 3.12 -22.04
CA LEU A 187 3.41 2.19 -23.02
C LEU A 187 3.08 0.85 -22.41
N SER A 188 3.91 0.41 -21.47
CA SER A 188 3.63 -0.86 -20.78
C SER A 188 2.29 -0.81 -20.07
N PHE A 189 2.19 0.03 -19.05
CA PHE A 189 0.90 0.44 -18.53
C PHE A 189 -0.21 0.27 -19.59
N VAL A 190 -0.05 0.95 -20.72
CA VAL A 190 -1.09 1.05 -21.75
C VAL A 190 -1.49 -0.34 -22.26
N ALA A 191 -0.48 -1.15 -22.60
CA ALA A 191 -0.69 -2.53 -23.00
C ALA A 191 -1.38 -3.41 -21.93
N ARG A 192 -1.05 -3.21 -20.65
CA ARG A 192 -1.60 -4.07 -19.60
C ARG A 192 -3.05 -3.76 -19.46
N HIS A 193 -3.41 -2.58 -19.93
CA HIS A 193 -4.77 -2.11 -19.82
C HIS A 193 -5.62 -2.87 -20.77
N TYR A 194 -5.10 -3.04 -21.96
CA TYR A 194 -5.76 -3.81 -22.99
C TYR A 194 -5.90 -5.30 -22.61
N GLU A 195 -4.88 -5.89 -21.96
CA GLU A 195 -4.97 -7.28 -21.48
C GLU A 195 -6.01 -7.43 -20.38
N ARG A 196 -6.09 -6.43 -19.51
CA ARG A 196 -7.10 -6.37 -18.47
C ARG A 196 -8.48 -6.39 -19.11
N ILE A 197 -8.72 -5.46 -20.01
CA ILE A 197 -9.96 -5.45 -20.74
C ILE A 197 -10.35 -6.87 -21.23
N ALA A 198 -9.40 -7.66 -21.71
CA ALA A 198 -9.73 -9.03 -22.12
C ALA A 198 -10.07 -9.97 -20.94
N ASP A 199 -9.28 -9.93 -19.88
CA ASP A 199 -9.55 -10.77 -18.73
C ASP A 199 -10.95 -10.51 -18.25
N HIS A 200 -11.30 -9.23 -18.18
CA HIS A 200 -12.64 -8.82 -17.81
C HIS A 200 -13.68 -9.50 -18.63
N ALA A 201 -13.54 -9.33 -19.94
CA ALA A 201 -14.49 -9.84 -20.89
C ALA A 201 -14.55 -11.38 -20.78
N GLU A 202 -13.41 -12.02 -20.55
CA GLU A 202 -13.39 -13.47 -20.48
C GLU A 202 -14.01 -13.97 -19.15
N ASN A 203 -13.97 -13.14 -18.12
CA ASN A 203 -14.78 -13.37 -16.93
C ASN A 203 -16.24 -13.48 -17.29
N VAL A 204 -16.69 -12.51 -18.08
CA VAL A 204 -18.08 -12.41 -18.50
C VAL A 204 -18.42 -13.65 -19.31
N ALA A 205 -17.51 -14.05 -20.18
CA ALA A 205 -17.71 -15.28 -20.96
C ALA A 205 -17.80 -16.56 -20.09
N GLU A 206 -17.05 -16.60 -18.98
CA GLU A 206 -17.14 -17.67 -17.99
C GLU A 206 -18.49 -17.65 -17.30
N ALA A 207 -18.86 -16.49 -16.79
CA ALA A 207 -20.14 -16.28 -16.12
C ALA A 207 -21.31 -16.67 -17.02
N ALA A 208 -21.12 -16.44 -18.31
CA ALA A 208 -22.11 -16.84 -19.32
C ALA A 208 -22.22 -18.37 -19.38
N ILE A 209 -21.14 -19.04 -19.76
CA ILE A 209 -21.04 -20.50 -19.73
C ILE A 209 -21.59 -21.09 -18.45
N TYR A 210 -21.35 -20.36 -17.35
CA TYR A 210 -21.89 -20.68 -16.05
C TYR A 210 -23.41 -20.53 -16.09
N LEU A 211 -23.95 -19.34 -15.83
CA LEU A 211 -25.39 -19.13 -15.86
C LEU A 211 -26.10 -20.04 -16.89
N SER A 212 -25.58 -20.03 -18.12
CA SER A 212 -26.21 -20.63 -19.33
C SER A 212 -26.90 -22.01 -19.25
N GLU A 213 -26.12 -23.07 -19.01
CA GLU A 213 -26.67 -24.43 -19.06
C GLU A 213 -27.61 -24.73 -17.87
N GLY A 214 -27.97 -23.66 -17.15
CA GLY A 214 -28.90 -23.71 -16.04
C GLY A 214 -30.33 -23.93 -16.49
N MET B 7 17.54 23.91 -4.26
CA MET B 7 16.10 24.31 -4.33
C MET B 7 15.22 23.06 -4.35
N LYS B 8 15.51 22.18 -5.31
CA LYS B 8 14.87 20.86 -5.46
C LYS B 8 15.05 19.99 -4.22
N LEU B 9 15.93 20.45 -3.33
CA LEU B 9 16.50 19.68 -2.20
C LEU B 9 15.74 19.84 -0.90
N PHE B 10 15.08 20.98 -0.71
CA PHE B 10 14.32 21.22 0.50
C PHE B 10 13.19 20.21 0.60
N LYS B 11 12.45 20.02 -0.50
CA LYS B 11 11.37 19.03 -0.54
C LYS B 11 11.91 17.72 0.01
N GLU B 12 12.98 17.23 -0.62
CA GLU B 12 13.64 16.00 -0.26
C GLU B 12 13.94 15.89 1.24
N LEU B 13 14.51 16.96 1.78
CA LEU B 13 14.91 17.00 3.18
C LEU B 13 13.72 17.09 4.12
N GLU B 14 12.65 17.75 3.73
CA GLU B 14 11.57 18.04 4.67
C GLU B 14 10.70 16.84 4.99
N GLU B 15 10.54 15.94 4.03
CA GLU B 15 9.86 14.67 4.25
C GLU B 15 10.79 13.73 4.97
N THR B 16 12.06 13.72 4.57
CA THR B 16 13.08 12.91 5.24
C THR B 16 13.05 13.16 6.75
N LYS B 17 12.87 14.41 7.15
CA LYS B 17 12.72 14.73 8.56
C LYS B 17 11.42 14.13 9.11
N GLU B 18 10.36 14.20 8.32
CA GLU B 18 9.07 13.65 8.76
C GLU B 18 9.06 12.11 8.74
N GLN B 19 9.98 11.52 8.00
CA GLN B 19 10.18 10.07 8.03
C GLN B 19 10.76 9.66 9.37
N VAL B 20 11.72 10.45 9.83
CA VAL B 20 12.27 10.29 11.16
C VAL B 20 11.19 10.50 12.22
N ILE B 21 10.36 11.51 12.08
CA ILE B 21 9.33 11.72 13.09
C ILE B 21 8.41 10.51 13.12
N LYS B 22 8.05 10.00 11.94
CA LYS B 22 7.14 8.85 11.82
C LYS B 22 7.82 7.63 12.43
N MET B 23 9.10 7.44 12.11
CA MET B 23 9.89 6.34 12.66
C MET B 23 9.79 6.33 14.20
N ALA B 24 9.70 7.52 14.77
CA ALA B 24 9.72 7.66 16.21
C ALA B 24 8.38 7.37 16.84
N LYS B 25 7.29 7.73 16.18
CA LYS B 25 5.97 7.38 16.68
C LYS B 25 5.80 5.87 16.70
N LEU B 26 6.37 5.20 15.70
CA LEU B 26 6.29 3.76 15.60
C LEU B 26 7.09 3.03 16.68
N VAL B 27 8.28 3.54 16.97
CA VAL B 27 9.06 3.06 18.12
C VAL B 27 8.31 3.27 19.43
N GLN B 28 7.76 4.47 19.61
CA GLN B 28 7.02 4.77 20.82
C GLN B 28 5.90 3.79 20.98
N GLU B 29 5.17 3.57 19.88
CA GLU B 29 4.05 2.63 19.88
C GLU B 29 4.49 1.17 20.09
N ALA B 30 5.64 0.77 19.56
CA ALA B 30 6.24 -0.51 19.89
C ALA B 30 6.36 -0.71 21.40
N ILE B 31 7.14 0.14 22.06
CA ILE B 31 7.24 0.17 23.53
C ILE B 31 5.86 0.09 24.16
N ASP B 32 4.96 0.97 23.70
CA ASP B 32 3.65 1.06 24.28
C ASP B 32 2.98 -0.30 24.25
N LYS B 33 3.00 -0.93 23.08
CA LYS B 33 2.43 -2.26 22.89
C LYS B 33 3.18 -3.24 23.76
N ALA B 34 4.50 -3.15 23.72
CA ALA B 34 5.38 -4.07 24.44
C ALA B 34 5.11 -4.09 25.93
N THR B 35 4.94 -2.91 26.52
CA THR B 35 4.62 -2.81 27.93
C THR B 35 3.23 -3.38 28.20
N GLU B 36 2.27 -3.02 27.39
CA GLU B 36 0.91 -3.54 27.54
C GLU B 36 0.81 -5.06 27.48
N ALA B 37 1.43 -5.65 26.46
CA ALA B 37 1.53 -7.10 26.27
C ALA B 37 2.16 -7.81 27.46
N LEU B 38 3.10 -7.13 28.09
CA LEU B 38 3.72 -7.59 29.32
C LEU B 38 2.75 -7.42 30.48
N ASN B 39 2.09 -6.26 30.56
CA ASN B 39 1.14 -5.94 31.62
C ASN B 39 0.00 -6.92 31.60
N LYS B 40 -1.05 -6.60 30.84
CA LYS B 40 -2.14 -7.53 30.60
C LYS B 40 -1.62 -8.67 29.73
N GLN B 41 -0.94 -9.65 30.34
CA GLN B 41 -0.22 -10.76 29.68
C GLN B 41 -0.86 -11.31 28.39
N ASN B 42 -0.23 -11.05 27.25
CA ASN B 42 -0.90 -11.20 25.95
C ASN B 42 0.01 -11.49 24.75
N VAL B 43 0.33 -12.76 24.51
CA VAL B 43 1.19 -13.20 23.41
C VAL B 43 0.79 -12.58 22.05
N GLU B 44 -0.51 -12.61 21.75
CA GLU B 44 -1.11 -12.08 20.53
C GLU B 44 -0.75 -10.61 20.29
N LEU B 45 -0.30 -9.92 21.34
CA LEU B 45 0.08 -8.53 21.25
C LEU B 45 1.55 -8.38 20.98
N ALA B 46 2.36 -9.16 21.70
CA ALA B 46 3.80 -9.18 21.50
C ALA B 46 4.15 -9.74 20.12
N GLU B 47 3.31 -10.65 19.64
CA GLU B 47 3.41 -11.17 18.28
C GLU B 47 3.26 -10.04 17.27
N GLU B 48 2.45 -9.04 17.60
CA GLU B 48 2.34 -7.83 16.79
C GLU B 48 3.65 -7.03 16.83
N VAL B 49 4.11 -6.72 18.03
CA VAL B 49 5.36 -6.01 18.22
C VAL B 49 6.49 -6.63 17.40
N ILE B 50 6.70 -7.93 17.54
CA ILE B 50 7.78 -8.63 16.85
C ILE B 50 7.73 -8.46 15.32
N LYS B 51 6.58 -8.73 14.71
CA LYS B 51 6.44 -8.60 13.26
C LYS B 51 6.38 -7.13 12.86
N GLY B 52 6.31 -6.26 13.87
CA GLY B 52 6.33 -4.83 13.68
C GLY B 52 7.71 -4.29 13.37
N ASP B 53 8.73 -4.80 14.06
CA ASP B 53 10.12 -4.40 13.80
C ASP B 53 10.44 -4.35 12.31
N ASP B 54 10.02 -5.39 11.58
CA ASP B 54 10.04 -5.41 10.13
C ASP B 54 9.99 -4.02 9.54
N THR B 55 8.91 -3.32 9.88
CA THR B 55 8.64 -1.99 9.38
C THR B 55 9.67 -0.96 9.84
N ILE B 56 10.04 -1.01 11.11
CA ILE B 56 11.04 -0.09 11.61
C ILE B 56 12.40 -0.32 10.96
N ASP B 57 12.76 -1.58 10.74
CA ASP B 57 14.04 -1.88 10.09
C ASP B 57 14.09 -1.25 8.69
N LEU B 58 12.90 -1.16 8.09
CA LEU B 58 12.71 -0.67 6.74
C LEU B 58 12.68 0.85 6.70
N LEU B 59 12.02 1.47 7.65
CA LEU B 59 12.11 2.90 7.76
C LEU B 59 13.56 3.34 7.93
N GLU B 60 14.32 2.59 8.74
CA GLU B 60 15.75 2.77 8.83
C GLU B 60 16.40 2.69 7.47
N VAL B 61 16.27 1.54 6.80
CA VAL B 61 16.76 1.38 5.43
C VAL B 61 16.37 2.54 4.55
N ASP B 62 15.09 2.89 4.57
CA ASP B 62 14.55 3.92 3.69
C ASP B 62 15.28 5.22 3.87
N ILE B 63 15.31 5.69 5.12
CA ILE B 63 15.91 6.97 5.41
C ILE B 63 17.39 6.98 5.03
N GLU B 64 18.11 5.93 5.38
CA GLU B 64 19.50 5.77 4.94
C GLU B 64 19.61 6.02 3.46
N ARG B 65 18.85 5.24 2.72
CA ARG B 65 18.75 5.27 1.29
C ARG B 65 18.27 6.63 0.73
N ARG B 66 17.46 7.35 1.50
CA ARG B 66 17.02 8.71 1.14
C ARG B 66 18.17 9.69 1.21
N CYS B 67 18.95 9.56 2.29
CA CYS B 67 20.12 10.40 2.57
C CYS B 67 21.17 10.29 1.48
N ILE B 68 21.61 9.08 1.17
CA ILE B 68 22.62 8.88 0.14
C ILE B 68 22.21 9.53 -1.19
N ARG B 69 20.93 9.48 -1.53
CA ARG B 69 20.41 10.14 -2.74
C ARG B 69 20.58 11.65 -2.63
N MET B 70 20.12 12.23 -1.51
CA MET B 70 20.24 13.65 -1.25
C MET B 70 21.68 14.15 -1.38
N ILE B 71 22.63 13.33 -0.98
CA ILE B 71 24.05 13.70 -1.05
C ILE B 71 24.60 13.61 -2.49
N ALA B 72 24.31 12.51 -3.18
CA ALA B 72 24.82 12.27 -4.53
C ALA B 72 24.10 13.16 -5.52
N LEU B 73 22.81 13.38 -5.29
CA LEU B 73 22.03 14.21 -6.16
C LEU B 73 22.39 15.74 -6.02
N TYR B 74 22.42 16.26 -4.78
CA TYR B 74 22.58 17.72 -4.50
C TYR B 74 23.75 18.14 -3.64
N GLN B 75 24.30 17.15 -2.93
CA GLN B 75 25.47 17.30 -2.06
C GLN B 75 25.59 18.61 -1.26
N PRO B 76 24.71 18.80 -0.27
CA PRO B 76 24.70 19.98 0.65
C PRO B 76 25.96 20.21 1.47
N GLU B 77 26.11 21.46 1.94
CA GLU B 77 27.24 21.93 2.75
C GLU B 77 26.87 22.35 4.16
N ALA B 78 27.64 23.34 4.65
CA ALA B 78 27.51 23.99 5.95
C ALA B 78 26.09 23.97 6.49
N GLY B 79 25.87 23.19 7.57
CA GLY B 79 24.60 23.10 8.30
C GLY B 79 23.55 22.09 7.78
N ASP B 80 23.64 21.79 6.49
CA ASP B 80 22.73 20.90 5.80
C ASP B 80 23.28 19.51 5.66
N LEU B 81 24.46 19.40 5.06
CA LEU B 81 25.18 18.13 5.10
C LEU B 81 25.29 17.66 6.56
N ARG B 82 25.39 18.61 7.49
CA ARG B 82 25.44 18.28 8.90
C ARG B 82 24.13 17.67 9.40
N MET B 83 23.00 18.08 8.85
CA MET B 83 21.72 17.49 9.25
C MET B 83 21.51 16.09 8.66
N ILE B 84 21.92 15.90 7.41
CA ILE B 84 21.76 14.62 6.73
C ILE B 84 22.64 13.55 7.36
N MET B 85 23.92 13.84 7.51
CA MET B 85 24.86 12.95 8.15
C MET B 85 24.37 12.63 9.55
N GLY B 86 23.86 13.66 10.23
CA GLY B 86 23.35 13.54 11.59
C GLY B 86 22.10 12.68 11.63
N ILE B 87 21.21 12.88 10.67
CA ILE B 87 20.04 12.02 10.52
C ILE B 87 20.45 10.58 10.19
N TYR B 88 21.28 10.40 9.18
CA TYR B 88 21.81 9.09 8.86
C TYR B 88 22.21 8.39 10.15
N LYS B 89 22.78 9.16 11.08
CA LYS B 89 23.28 8.62 12.35
C LYS B 89 22.15 8.32 13.31
N ILE B 90 21.44 9.36 13.76
CA ILE B 90 20.38 9.15 14.74
C ILE B 90 19.34 8.14 14.30
N VAL B 91 19.36 7.76 13.04
CA VAL B 91 18.37 6.84 12.57
C VAL B 91 18.71 5.40 12.95
N SER B 92 19.99 5.08 13.10
CA SER B 92 20.24 3.75 13.56
C SER B 92 20.04 3.62 15.07
N ASP B 93 20.23 4.71 15.81
CA ASP B 93 19.94 4.79 17.26
C ASP B 93 18.46 4.46 17.47
N LEU B 94 17.62 5.13 16.69
CA LEU B 94 16.18 4.85 16.61
C LEU B 94 15.81 3.40 16.28
N GLU B 95 16.58 2.75 15.42
CA GLU B 95 16.38 1.34 15.12
C GLU B 95 16.71 0.48 16.31
N ARG B 96 17.84 0.76 16.94
CA ARG B 96 18.21 -0.01 18.12
C ARG B 96 17.10 0.09 19.17
N MET B 97 16.63 1.32 19.41
CA MET B 97 15.59 1.58 20.40
C MET B 97 14.44 0.65 20.15
N GLY B 98 13.88 0.73 18.94
CA GLY B 98 12.82 -0.17 18.51
C GLY B 98 13.20 -1.63 18.56
N ASP B 99 14.50 -1.90 18.46
CA ASP B 99 14.98 -3.25 18.63
C ASP B 99 14.83 -3.75 20.06
N GLU B 100 15.30 -2.95 21.03
CA GLU B 100 15.08 -3.21 22.45
C GLU B 100 13.63 -3.53 22.70
N ALA B 101 12.75 -2.72 22.12
CA ALA B 101 11.32 -2.96 22.20
C ALA B 101 10.98 -4.39 21.78
N GLU B 102 11.41 -4.79 20.58
CA GLU B 102 11.24 -6.16 20.09
C GLU B 102 11.55 -7.12 21.19
N ASN B 103 12.73 -6.97 21.78
CA ASN B 103 13.15 -7.82 22.90
C ASN B 103 12.27 -7.76 24.12
N ILE B 104 11.77 -6.60 24.49
CA ILE B 104 10.89 -6.57 25.65
C ILE B 104 9.75 -7.54 25.35
N ALA B 105 9.17 -7.42 24.16
CA ALA B 105 8.11 -8.32 23.72
C ALA B 105 8.53 -9.79 23.76
N GLU B 106 9.75 -10.08 23.32
CA GLU B 106 10.28 -11.44 23.43
C GLU B 106 10.15 -12.00 24.84
N ARG B 107 10.59 -11.23 25.84
CA ARG B 107 10.62 -11.71 27.22
C ARG B 107 9.24 -11.64 27.86
N ALA B 108 8.32 -10.93 27.23
CA ALA B 108 6.93 -10.86 27.67
C ALA B 108 6.23 -12.18 27.38
N ILE B 109 6.61 -12.77 26.25
CA ILE B 109 6.11 -14.06 25.78
C ILE B 109 6.51 -15.12 26.78
N LEU B 110 7.71 -14.97 27.33
CA LEU B 110 8.25 -15.95 28.24
C LEU B 110 7.66 -15.78 29.62
N LEU B 111 7.23 -14.58 29.97
CA LEU B 111 6.63 -14.31 31.27
C LEU B 111 5.15 -14.68 31.27
N ALA B 112 4.65 -14.97 30.07
CA ALA B 112 3.31 -15.54 29.91
C ALA B 112 3.29 -16.99 30.34
N GLU B 113 4.49 -17.58 30.45
CA GLU B 113 4.67 -18.97 30.86
C GLU B 113 4.31 -19.24 32.33
N GLU B 114 3.89 -18.19 33.08
CA GLU B 114 3.49 -18.28 34.49
C GLU B 114 2.89 -16.92 35.02
N PRO B 115 2.46 -16.89 36.31
CA PRO B 115 1.70 -15.74 36.88
C PRO B 115 2.48 -14.49 36.88
N PRO B 116 1.88 -13.34 37.37
CA PRO B 116 2.76 -12.22 37.56
C PRO B 116 3.88 -12.67 38.51
N LEU B 117 3.57 -12.35 39.76
CA LEU B 117 4.39 -12.49 40.95
C LEU B 117 4.89 -11.06 41.24
N LYS B 118 4.22 -10.09 40.63
CA LYS B 118 4.41 -8.65 40.86
C LYS B 118 3.55 -7.92 39.83
N PRO B 119 2.85 -6.87 40.24
CA PRO B 119 2.10 -6.08 39.28
C PRO B 119 2.96 -5.74 38.04
N TYR B 120 4.16 -5.21 38.27
CA TYR B 120 5.24 -4.83 37.31
C TYR B 120 5.23 -3.31 37.17
N VAL B 121 4.94 -2.77 38.37
CA VAL B 121 4.88 -1.37 38.73
C VAL B 121 5.89 -0.59 37.95
N ASN B 122 7.12 -0.69 38.45
CA ASN B 122 8.27 0.07 38.01
C ASN B 122 8.47 0.16 36.48
N ILE B 123 8.52 -1.01 35.83
CA ILE B 123 8.61 -1.10 34.38
C ILE B 123 7.72 -0.10 33.66
N ASN B 124 6.59 0.24 34.27
CA ASN B 124 5.64 1.15 33.65
C ASN B 124 6.11 2.58 33.70
N PHE B 125 6.33 3.08 34.91
CA PHE B 125 6.88 4.42 35.10
C PHE B 125 8.05 4.59 34.14
N MET B 126 8.96 3.60 34.10
CA MET B 126 10.11 3.65 33.19
C MET B 126 9.57 3.87 31.77
N SER B 127 8.81 2.89 31.30
CA SER B 127 8.26 2.89 29.94
C SER B 127 7.58 4.21 29.59
N GLU B 128 6.81 4.73 30.53
CA GLU B 128 6.09 5.99 30.37
C GLU B 128 7.06 7.10 30.05
N ILE B 129 8.14 7.16 30.83
CA ILE B 129 9.15 8.19 30.70
C ILE B 129 9.83 7.96 29.40
N VAL B 130 10.14 6.70 29.14
CA VAL B 130 11.00 6.32 28.04
C VAL B 130 10.35 6.75 26.74
N LYS B 131 9.03 6.57 26.60
CA LYS B 131 8.32 7.02 25.41
C LYS B 131 8.44 8.54 25.25
N GLU B 132 8.39 9.26 26.36
CA GLU B 132 8.60 10.70 26.34
C GLU B 132 9.97 11.07 25.79
N MET B 133 11.00 10.26 26.11
CA MET B 133 12.37 10.54 25.68
C MET B 133 12.52 10.40 24.15
N VAL B 134 12.26 9.21 23.64
CA VAL B 134 12.18 8.96 22.21
C VAL B 134 11.59 10.17 21.48
N ASN B 135 10.36 10.52 21.83
CA ASN B 135 9.64 11.55 21.12
C ASN B 135 10.47 12.81 21.00
N ASP B 136 10.95 13.27 22.15
CA ASP B 136 11.66 14.53 22.28
C ASP B 136 13.07 14.47 21.71
N SER B 137 13.86 13.50 22.15
CA SER B 137 15.20 13.30 21.62
C SER B 137 15.27 13.45 20.08
N VAL B 138 14.16 13.21 19.41
CA VAL B 138 14.11 13.38 17.99
C VAL B 138 13.70 14.80 17.64
N ILE B 139 12.59 15.26 18.19
CA ILE B 139 12.08 16.62 17.92
C ILE B 139 13.00 17.70 18.51
N SER B 140 14.04 17.25 19.20
CA SER B 140 15.11 18.11 19.67
C SER B 140 16.23 18.11 18.65
N PHE B 141 16.44 16.99 17.98
CA PHE B 141 17.43 16.95 16.93
C PHE B 141 16.91 17.76 15.74
N ILE B 142 15.82 17.29 15.18
CA ILE B 142 15.23 17.88 13.98
C ILE B 142 15.06 19.38 14.12
N GLN B 143 14.24 19.78 15.08
CA GLN B 143 14.04 21.18 15.44
C GLN B 143 15.05 21.43 16.61
N GLN B 144 16.29 21.69 16.27
CA GLN B 144 17.38 21.83 17.21
C GLN B 144 17.11 22.27 18.67
N ASP B 145 15.92 22.61 19.14
CA ASP B 145 15.73 23.07 20.55
C ASP B 145 16.68 22.44 21.59
N THR B 146 17.69 23.20 21.98
CA THR B 146 18.74 22.77 22.93
C THR B 146 18.22 22.58 24.36
N LEU B 147 17.35 23.50 24.81
CA LEU B 147 16.75 23.42 26.15
C LEU B 147 15.87 22.16 26.31
N LEU B 148 15.33 21.67 25.19
CA LEU B 148 14.57 20.42 25.19
C LEU B 148 15.51 19.22 25.36
N ALA B 149 16.45 19.10 24.42
CA ALA B 149 17.47 18.07 24.45
C ALA B 149 18.17 17.95 25.80
N LYS B 150 18.46 19.10 26.42
CA LYS B 150 19.13 19.16 27.71
C LYS B 150 18.27 18.58 28.84
N LYS B 151 16.96 18.77 28.75
CA LYS B 151 16.02 18.32 29.78
C LYS B 151 15.69 16.85 29.62
N VAL B 152 15.90 16.34 28.39
CA VAL B 152 15.83 14.92 28.07
C VAL B 152 17.02 14.18 28.64
N ILE B 153 18.21 14.73 28.42
CA ILE B 153 19.44 14.23 29.03
C ILE B 153 19.24 14.15 30.55
N GLU B 154 18.71 15.22 31.14
CA GLU B 154 18.42 15.22 32.56
C GLU B 154 17.48 14.06 32.98
N LYS B 155 16.57 13.67 32.11
CA LYS B 155 15.61 12.61 32.43
C LYS B 155 16.21 11.23 32.67
N ASP B 156 17.22 10.84 31.88
CA ASP B 156 17.80 9.49 31.92
C ASP B 156 18.16 9.03 33.33
N ASP B 157 18.38 9.98 34.22
CA ASP B 157 18.75 9.58 35.55
C ASP B 157 17.60 9.25 36.46
N THR B 158 16.40 9.74 36.14
CA THR B 158 15.22 9.24 36.84
C THR B 158 14.93 7.80 36.43
N VAL B 159 15.21 7.47 35.18
CA VAL B 159 15.07 6.09 34.74
C VAL B 159 16.08 5.19 35.45
N ASP B 160 17.33 5.62 35.46
CA ASP B 160 18.37 4.93 36.21
C ASP B 160 17.91 4.58 37.65
N GLU B 161 17.38 5.56 38.40
CA GLU B 161 16.84 5.33 39.75
C GLU B 161 16.02 4.07 39.76
N LEU B 162 14.98 4.10 38.93
CA LEU B 162 13.98 3.06 38.81
C LEU B 162 14.59 1.70 38.59
N TYR B 163 15.70 1.68 37.85
CA TYR B 163 16.34 0.42 37.56
C TYR B 163 17.10 -0.12 38.76
N HIS B 164 18.05 0.67 39.26
CA HIS B 164 18.84 0.31 40.45
C HIS B 164 17.93 0.30 41.68
N GLN B 165 16.65 0.59 41.43
CA GLN B 165 15.60 0.57 42.45
C GLN B 165 14.81 -0.73 42.36
N LEU B 166 14.36 -1.05 41.16
CA LEU B 166 13.69 -2.31 40.89
C LEU B 166 14.62 -3.49 41.17
N GLU B 167 15.86 -3.35 40.70
CA GLU B 167 16.97 -4.30 40.89
C GLU B 167 17.09 -4.75 42.32
N ARG B 168 16.84 -3.83 43.24
CA ARG B 168 16.86 -4.11 44.67
C ARG B 168 15.57 -4.79 45.16
N GLU B 169 14.43 -4.39 44.62
CA GLU B 169 13.16 -5.08 44.90
C GLU B 169 13.16 -6.47 44.28
N LEU B 170 13.67 -6.58 43.05
CA LEU B 170 13.80 -7.87 42.38
C LEU B 170 14.71 -8.84 43.14
N MET B 171 15.63 -8.31 43.96
CA MET B 171 16.49 -9.18 44.76
C MET B 171 15.87 -9.51 46.12
N THR B 172 14.67 -9.02 46.39
CA THR B 172 13.91 -9.47 47.56
C THR B 172 13.38 -10.86 47.28
N TYR B 173 12.77 -11.02 46.11
CA TYR B 173 11.99 -12.21 45.77
C TYR B 173 12.83 -13.47 45.70
N VAL B 174 14.09 -13.28 45.35
CA VAL B 174 15.04 -14.37 45.32
C VAL B 174 15.60 -14.62 46.73
N LEU B 175 15.86 -13.53 47.46
CA LEU B 175 16.32 -13.59 48.85
C LEU B 175 15.21 -14.08 49.79
N GLU B 176 14.10 -14.55 49.23
CA GLU B 176 12.96 -15.00 50.03
C GLU B 176 12.17 -16.17 49.43
N ASP B 177 12.56 -16.62 48.24
CA ASP B 177 11.89 -17.74 47.57
C ASP B 177 12.74 -18.31 46.42
N PRO B 178 12.93 -19.64 46.41
CA PRO B 178 13.70 -20.32 45.35
C PRO B 178 12.98 -20.29 44.01
N ARG B 179 11.78 -20.87 43.94
CA ARG B 179 10.98 -20.90 42.71
C ARG B 179 11.15 -19.60 41.91
N ASN B 180 10.84 -18.48 42.56
CA ASN B 180 10.83 -17.15 41.95
C ASN B 180 11.80 -16.93 40.83
N ILE B 181 13.09 -17.13 41.10
CA ILE B 181 14.20 -16.79 40.19
C ILE B 181 13.88 -16.69 38.68
N LYS B 182 13.21 -17.71 38.15
CA LYS B 182 12.92 -17.82 36.71
C LYS B 182 12.23 -16.58 36.16
N ARG B 183 11.27 -16.05 36.89
CA ARG B 183 10.50 -14.90 36.46
C ARG B 183 11.26 -13.60 36.67
N ALA B 184 11.87 -13.43 37.86
CA ALA B 184 12.64 -12.22 38.18
C ALA B 184 13.82 -12.06 37.24
N MET B 185 14.36 -13.20 36.83
CA MET B 185 15.37 -13.27 35.79
C MET B 185 14.90 -12.56 34.52
N HIS B 186 13.88 -13.11 33.86
CA HIS B 186 13.29 -12.47 32.69
C HIS B 186 13.01 -10.99 32.93
N LEU B 187 12.64 -10.66 34.14
CA LEU B 187 12.23 -9.30 34.43
C LEU B 187 13.36 -8.32 34.43
N SER B 188 14.49 -8.76 34.99
CA SER B 188 15.68 -7.92 34.97
C SER B 188 16.07 -7.54 33.55
N PHE B 189 16.45 -8.53 32.74
CA PHE B 189 16.50 -8.38 31.30
C PHE B 189 15.59 -7.26 30.79
N VAL B 190 14.28 -7.41 31.06
CA VAL B 190 13.20 -6.53 30.59
C VAL B 190 13.40 -5.08 31.03
N ALA B 191 13.72 -4.88 32.30
CA ALA B 191 14.08 -3.57 32.81
C ALA B 191 15.32 -2.93 32.14
N ARG B 192 16.37 -3.73 31.89
CA ARG B 192 17.62 -3.22 31.31
C ARG B 192 17.37 -2.76 29.92
N HIS B 193 16.37 -3.37 29.29
CA HIS B 193 15.96 -3.01 27.95
C HIS B 193 15.42 -1.62 27.94
N TYR B 194 14.58 -1.29 28.93
CA TYR B 194 14.02 0.04 29.04
C TYR B 194 15.10 1.09 29.30
N GLU B 195 16.10 0.76 30.13
CA GLU B 195 17.21 1.69 30.40
C GLU B 195 18.09 1.90 29.17
N ARG B 196 18.30 0.84 28.41
CA ARG B 196 18.95 0.95 27.12
C ARG B 196 18.21 1.98 26.26
N ILE B 197 16.93 1.74 26.04
CA ILE B 197 16.12 2.65 25.27
C ILE B 197 16.38 4.11 25.65
N ALA B 198 16.57 4.38 26.94
CA ALA B 198 16.87 5.75 27.36
C ALA B 198 18.28 6.21 26.96
N ASP B 199 19.28 5.35 27.18
CA ASP B 199 20.66 5.70 26.86
C ASP B 199 20.73 6.08 25.40
N HIS B 200 20.06 5.25 24.60
CA HIS B 200 19.96 5.47 23.16
C HIS B 200 19.45 6.82 22.84
N ALA B 201 18.32 7.15 23.47
CA ALA B 201 17.63 8.40 23.26
C ALA B 201 18.53 9.55 23.71
N GLU B 202 19.23 9.36 24.82
CA GLU B 202 20.04 10.46 25.35
C GLU B 202 21.33 10.64 24.52
N ASN B 203 21.76 9.59 23.83
CA ASN B 203 22.75 9.71 22.76
C ASN B 203 22.31 10.68 21.70
N VAL B 204 21.07 10.50 21.27
CA VAL B 204 20.46 11.31 20.23
C VAL B 204 20.36 12.75 20.73
N ALA B 205 19.97 12.91 21.98
CA ALA B 205 19.90 14.23 22.58
C ALA B 205 21.29 14.91 22.67
N GLU B 206 22.35 14.11 22.84
CA GLU B 206 23.72 14.63 22.85
C GLU B 206 24.11 15.08 21.46
N ALA B 207 23.90 14.20 20.49
CA ALA B 207 24.19 14.47 19.09
C ALA B 207 23.44 15.70 18.60
N ALA B 208 22.27 15.93 19.17
CA ALA B 208 21.47 17.11 18.89
C ALA B 208 22.20 18.36 19.37
N ILE B 209 22.39 18.47 20.69
CA ILE B 209 23.19 19.53 21.33
C ILE B 209 24.49 19.77 20.59
N TYR B 210 25.09 18.67 20.13
CA TYR B 210 26.25 18.69 19.27
C TYR B 210 25.91 19.40 17.96
N LEU B 211 25.45 18.67 16.94
CA LEU B 211 25.11 19.27 15.66
C LEU B 211 24.61 20.71 15.80
N SER B 212 23.65 20.92 16.72
CA SER B 212 22.86 22.16 16.89
C SER B 212 23.52 23.55 16.84
N GLU B 213 24.41 23.85 17.78
CA GLU B 213 25.00 25.19 17.86
C GLU B 213 25.99 25.47 16.72
N GLY B 214 26.02 24.57 15.74
CA GLY B 214 26.86 24.69 14.56
C GLY B 214 26.33 25.73 13.60
#